data_4YM9
#
_entry.id   4YM9
#
_cell.length_a   51.026
_cell.length_b   58.340
_cell.length_c   74.923
_cell.angle_alpha   90.00
_cell.angle_beta   90.00
_cell.angle_gamma   90.00
#
_symmetry.space_group_name_H-M   'P 21 21 21'
#
loop_
_entity.id
_entity.type
_entity.pdbx_description
1 polymer 'Chymotrypsin-like elastase family member 1'
2 non-polymer 2-ethyl-2-(hydroxymethyl)-N-(6-methylpyridin-3-yl)butanamide
3 non-polymer 'SULFATE ION'
4 non-polymer 'ACETATE ION'
5 non-polymer 'SODIUM ION'
6 non-polymer GLYCEROL
7 water water
#
_entity_poly.entity_id   1
_entity_poly.type   'polypeptide(L)'
_entity_poly.pdbx_seq_one_letter_code
;VVGGTEAQRNSWPSQISLQYRSGSSWAHTCGGTLIRQNWVMTAAHCVDRELTFRVVVGEHNLNQNDGTEQYVGVQKIVVH
PYWNTDDVAAGYDIALLRLAQSVTLNSYVQLGVLPRAGTILANNSPCYITGWGLTRTNGQLAQTLQQAYLPTVDYAICSS
SSYWGSTVKNSMVCAGGDGVRSGCQGDSGGPLHCLVNGQYAVHGVTSFVSRLGCNVTRKPTVFTRVSAYISWINNVIASN
;
_entity_poly.pdbx_strand_id   A
#
loop_
_chem_comp.id
_chem_comp.type
_chem_comp.name
_chem_comp.formula
4E4 non-polymer 2-ethyl-2-(hydroxymethyl)-N-(6-methylpyridin-3-yl)butanamide 'C13 H20 N2 O2'
ACT non-polymer 'ACETATE ION' 'C2 H3 O2 -1'
GOL non-polymer GLYCEROL 'C3 H8 O3'
NA non-polymer 'SODIUM ION' 'Na 1'
SO4 non-polymer 'SULFATE ION' 'O4 S -2'
#
# COMPACT_ATOMS: atom_id res chain seq x y z
N VAL A 1 -3.70 -2.74 10.03
CA VAL A 1 -4.95 -3.35 9.56
C VAL A 1 -5.85 -3.65 10.76
N VAL A 2 -7.05 -3.06 10.76
CA VAL A 2 -8.05 -3.34 11.77
C VAL A 2 -8.97 -4.45 11.29
N GLY A 3 -9.21 -5.41 12.17
CA GLY A 3 -10.13 -6.49 11.89
C GLY A 3 -9.52 -7.59 11.04
N GLY A 4 -8.19 -7.65 10.99
CA GLY A 4 -7.49 -8.68 10.23
C GLY A 4 -6.97 -9.85 11.05
N THR A 5 -6.22 -10.71 10.38
CA THR A 5 -5.58 -11.84 11.02
C THR A 5 -4.15 -11.86 10.54
N GLU A 6 -3.28 -12.52 11.30
CA GLU A 6 -1.93 -12.73 10.83
C GLU A 6 -1.90 -13.50 9.50
N ALA A 7 -1.21 -12.94 8.52
CA ALA A 7 -1.04 -13.59 7.22
C ALA A 7 -0.17 -14.82 7.38
N GLN A 8 -0.38 -15.81 6.52
CA GLN A 8 0.55 -16.90 6.44
C GLN A 8 1.87 -16.27 6.06
N ARG A 9 2.91 -16.76 6.72
CA ARG A 9 4.24 -16.20 6.65
C ARG A 9 4.69 -16.14 5.21
N ASN A 10 5.09 -14.94 4.77
CA ASN A 10 5.59 -14.71 3.41
C ASN A 10 4.59 -15.07 2.31
N SER A 11 3.28 -15.05 2.64
CA SER A 11 2.27 -15.40 1.64
C SER A 11 1.90 -14.22 0.71
N TRP A 12 2.41 -13.03 1.02
CA TRP A 12 2.27 -11.86 0.16
C TRP A 12 3.66 -11.32 -0.14
N PRO A 13 4.40 -12.04 -0.98
CA PRO A 13 5.85 -11.82 -1.06
C PRO A 13 6.26 -10.52 -1.78
N SER A 14 5.31 -9.77 -2.34
CA SER A 14 5.63 -8.42 -2.88
C SER A 14 5.46 -7.31 -1.83
N GLN A 15 4.85 -7.62 -0.70
CA GLN A 15 4.69 -6.63 0.39
C GLN A 15 6.03 -6.28 0.99
N ILE A 16 6.34 -4.97 1.06
CA ILE A 16 7.52 -4.51 1.76
C ILE A 16 7.18 -3.62 2.93
N SER A 17 8.14 -3.51 3.83
CA SER A 17 8.10 -2.55 4.92
C SER A 17 9.04 -1.41 4.60
N LEU A 18 8.49 -0.21 4.57
CA LEU A 18 9.25 1.01 4.39
C LEU A 18 9.55 1.59 5.77
N GLN A 19 10.83 1.78 6.06
CA GLN A 19 11.29 2.17 7.36
C GLN A 19 12.18 3.43 7.29
N TYR A 20 12.25 4.19 8.37
CA TYR A 20 13.13 5.34 8.42
C TYR A 20 14.07 5.20 9.62
N ARG A 21 15.23 5.83 9.50
CA ARG A 21 16.21 5.79 10.57
C ARG A 21 15.85 6.82 11.63
N SER A 22 15.85 6.37 12.89
CA SER A 22 15.63 7.23 14.03
C SER A 22 16.78 6.99 14.99
N GLY A 23 17.71 7.94 15.03
CA GLY A 23 18.94 7.76 15.77
C GLY A 23 19.69 6.62 15.13
N SER A 24 19.84 5.54 15.88
CA SER A 24 20.58 4.37 15.44
C SER A 24 19.64 3.21 15.15
N SER A 25 18.33 3.43 15.31
CA SER A 25 17.34 2.39 15.08
C SER A 25 16.53 2.64 13.80
N TRP A 26 15.84 1.59 13.34
CA TRP A 26 14.91 1.73 12.23
C TRP A 26 13.49 1.56 12.71
N ALA A 27 12.59 2.34 12.11
CA ALA A 27 11.17 2.31 12.45
C ALA A 27 10.31 2.16 11.22
N HIS A 28 9.38 1.23 11.28
CA HIS A 28 8.39 1.01 10.25
C HIS A 28 7.49 2.23 10.16
N THR A 29 7.31 2.75 8.95
CA THR A 29 6.40 3.86 8.75
C THR A 29 5.30 3.58 7.71
N CYS A 30 5.56 2.77 6.69
CA CYS A 30 4.57 2.55 5.64
C CYS A 30 4.78 1.19 5.00
N GLY A 31 3.80 0.76 4.22
CA GLY A 31 3.97 -0.37 3.33
C GLY A 31 4.45 0.06 1.94
N GLY A 32 4.64 -0.94 1.08
CA GLY A 32 4.93 -0.71 -0.31
C GLY A 32 4.81 -2.03 -1.03
N THR A 33 4.95 -1.99 -2.35
CA THR A 33 4.94 -3.16 -3.20
C THR A 33 6.20 -3.21 -4.02
N LEU A 34 6.90 -4.34 -3.99
CA LEU A 34 8.06 -4.56 -4.85
C LEU A 34 7.54 -4.76 -6.27
N ILE A 35 7.92 -3.89 -7.20
CA ILE A 35 7.45 -4.06 -8.58
C ILE A 35 8.55 -4.35 -9.60
N ARG A 36 9.80 -4.03 -9.26
CA ARG A 36 10.98 -4.55 -9.96
C ARG A 36 11.97 -4.96 -8.89
N GLN A 37 13.04 -5.67 -9.26
CA GLN A 37 14.06 -6.03 -8.25
C GLN A 37 14.68 -4.80 -7.57
N ASN A 38 14.61 -3.66 -8.25
CA ASN A 38 15.16 -2.42 -7.70
C ASN A 38 14.14 -1.26 -7.66
N TRP A 39 12.85 -1.57 -7.69
CA TRP A 39 11.81 -0.54 -7.57
C TRP A 39 10.66 -0.96 -6.67
N VAL A 40 10.27 -0.02 -5.78
CA VAL A 40 9.11 -0.19 -4.91
C VAL A 40 8.09 0.90 -5.20
N MET A 41 6.82 0.50 -5.23
CA MET A 41 5.67 1.38 -5.34
C MET A 41 5.10 1.64 -3.95
N THR A 42 4.93 2.91 -3.60
CA THR A 42 4.37 3.29 -2.30
C THR A 42 3.54 4.56 -2.46
N ALA A 43 3.10 5.11 -1.34
CA ALA A 43 2.33 6.36 -1.37
C ALA A 43 3.28 7.55 -1.30
N ALA A 44 2.98 8.61 -2.05
CA ALA A 44 3.75 9.83 -1.96
C ALA A 44 3.82 10.36 -0.54
N HIS A 45 2.72 10.30 0.21
CA HIS A 45 2.71 10.95 1.50
C HIS A 45 3.64 10.19 2.47
N CYS A 46 4.05 8.98 2.09
CA CYS A 46 4.96 8.24 2.94
C CYS A 46 6.36 8.78 2.91
N VAL A 47 6.70 9.45 1.82
CA VAL A 47 8.04 9.93 1.59
C VAL A 47 8.05 11.46 1.45
N ASP A 48 6.99 12.07 1.98
CA ASP A 48 6.87 13.49 2.23
C ASP A 48 8.04 14.09 3.04
N ARG A 49 8.40 13.45 4.16
CA ARG A 49 9.46 13.93 5.04
C ARG A 49 10.87 13.60 4.51
N GLU A 50 11.86 14.42 4.84
CA GLU A 50 13.20 14.22 4.36
C GLU A 50 13.99 13.31 5.29
N LEU A 51 13.57 12.05 5.33
CA LEU A 51 14.18 11.04 6.19
C LEU A 51 15.11 10.11 5.40
N THR A 52 15.93 9.37 6.12
CA THR A 52 16.67 8.26 5.55
C THR A 52 15.79 7.03 5.58
N PHE A 53 15.51 6.50 4.40
CA PHE A 53 14.63 5.34 4.27
C PHE A 53 15.36 4.05 3.92
N ARG A 54 14.78 2.94 4.32
CA ARG A 54 15.19 1.64 3.80
C ARG A 54 13.94 0.84 3.53
N VAL A 55 14.12 -0.16 2.67
CA VAL A 55 13.07 -1.08 2.34
C VAL A 55 13.44 -2.46 2.90
N VAL A 56 12.46 -3.15 3.48
CA VAL A 56 12.65 -4.54 3.87
C VAL A 56 11.71 -5.45 3.08
N VAL A 57 12.31 -6.34 2.29
CA VAL A 57 11.57 -7.36 1.57
C VAL A 57 11.65 -8.68 2.37
N GLY A 58 10.72 -9.59 2.15
CA GLY A 58 10.70 -10.89 2.82
C GLY A 58 10.33 -10.81 4.28
N GLU A 59 9.75 -9.69 4.69
CA GLU A 59 9.50 -9.43 6.11
C GLU A 59 8.22 -10.12 6.58
N HIS A 60 8.23 -10.56 7.84
CA HIS A 60 7.01 -11.01 8.46
C HIS A 60 6.81 -10.43 9.84
N ASN A 61 7.81 -10.65 10.70
CA ASN A 61 7.80 -10.18 12.07
C ASN A 61 8.76 -8.99 12.18
N LEU A 62 8.20 -7.80 12.38
CA LEU A 62 9.02 -6.58 12.45
C LEU A 62 10.03 -6.56 13.58
N ASN A 63 9.82 -7.35 14.62
CA ASN A 63 10.70 -7.28 15.79
C ASN A 63 11.70 -8.43 15.91
N GLN A 64 11.79 -9.30 14.90
CA GLN A 64 12.84 -10.34 14.88
C GLN A 64 13.28 -10.64 13.47
N ASN A 65 14.58 -10.91 13.31
CA ASN A 65 15.12 -11.24 12.00
C ASN A 65 15.04 -12.74 11.83
N ASP A 66 14.09 -13.19 11.00
CA ASP A 66 13.79 -14.61 10.89
C ASP A 66 14.54 -15.35 9.78
N GLY A 67 15.18 -14.61 8.90
CA GLY A 67 16.11 -15.21 7.96
C GLY A 67 15.65 -15.06 6.52
N THR A 68 14.45 -14.53 6.31
CA THR A 68 13.92 -14.37 4.96
C THR A 68 14.03 -12.95 4.48
N GLU A 69 14.50 -12.07 5.36
CA GLU A 69 14.48 -10.64 5.09
C GLU A 69 15.69 -10.23 4.28
N GLN A 70 15.52 -9.25 3.40
CA GLN A 70 16.64 -8.51 2.83
C GLN A 70 16.39 -7.04 3.09
N TYR A 71 17.45 -6.33 3.49
CA TYR A 71 17.38 -4.95 3.94
C TYR A 71 18.15 -4.09 2.93
N VAL A 72 17.48 -3.13 2.29
CA VAL A 72 18.09 -2.34 1.23
CA VAL A 72 18.15 -2.32 1.27
C VAL A 72 17.79 -0.85 1.36
N GLY A 73 18.80 -0.02 1.09
CA GLY A 73 18.62 1.40 1.08
C GLY A 73 17.80 1.89 -0.09
N VAL A 74 17.34 3.13 0.04
CA VAL A 74 16.61 3.83 -1.01
C VAL A 74 17.53 4.86 -1.65
N GLN A 75 17.73 4.70 -2.94
CA GLN A 75 18.68 5.52 -3.69
C GLN A 75 18.02 6.76 -4.28
N LYS A 76 16.74 6.64 -4.67
CA LYS A 76 16.04 7.71 -5.36
C LYS A 76 14.56 7.61 -5.06
N ILE A 77 13.95 8.77 -4.85
CA ILE A 77 12.53 8.87 -4.56
C ILE A 77 11.91 9.69 -5.66
N VAL A 78 10.96 9.08 -6.39
CA VAL A 78 10.24 9.79 -7.42
C VAL A 78 8.78 9.88 -7.01
N VAL A 79 8.39 11.06 -6.54
CA VAL A 79 6.99 11.33 -6.18
C VAL A 79 6.22 11.80 -7.42
N HIS A 80 4.94 11.44 -7.51
CA HIS A 80 4.19 11.99 -8.65
C HIS A 80 4.24 13.51 -8.62
N PRO A 81 4.57 14.14 -9.76
CA PRO A 81 4.76 15.59 -9.76
C PRO A 81 3.52 16.44 -9.46
N TYR A 82 2.33 15.84 -9.50
CA TYR A 82 1.11 16.55 -9.13
C TYR A 82 0.67 16.29 -7.70
N TRP A 83 1.41 15.48 -6.95
CA TRP A 83 1.09 15.25 -5.54
C TRP A 83 1.14 16.55 -4.73
N ASN A 84 0.12 16.75 -3.90
CA ASN A 84 0.03 17.92 -3.01
C ASN A 84 -0.30 17.42 -1.61
N THR A 85 0.67 17.47 -0.71
CA THR A 85 0.48 16.92 0.65
C THR A 85 -0.64 17.62 1.44
N ASP A 86 -0.94 18.87 1.05
CA ASP A 86 -2.05 19.63 1.65
C ASP A 86 -3.45 19.12 1.27
N ASP A 87 -3.53 18.20 0.31
CA ASP A 87 -4.78 17.87 -0.37
C ASP A 87 -4.71 16.43 -0.84
N VAL A 88 -4.74 15.48 0.10
CA VAL A 88 -4.68 14.07 -0.25
C VAL A 88 -5.91 13.70 -1.08
N ALA A 89 -7.00 14.44 -0.89
CA ALA A 89 -8.24 14.20 -1.62
C ALA A 89 -8.13 14.52 -3.10
N ALA A 90 -7.16 15.35 -3.48
CA ALA A 90 -6.93 15.65 -4.88
C ALA A 90 -6.24 14.48 -5.60
N GLY A 91 -5.73 13.52 -4.85
CA GLY A 91 -5.09 12.36 -5.44
C GLY A 91 -3.58 12.45 -5.70
N TYR A 92 -3.15 11.64 -6.67
CA TYR A 92 -1.74 11.51 -7.03
C TYR A 92 -0.88 11.02 -5.84
N ASP A 93 -1.48 10.25 -4.94
CA ASP A 93 -0.74 9.74 -3.77
C ASP A 93 0.01 8.46 -4.16
N ILE A 94 1.11 8.65 -4.87
CA ILE A 94 1.90 7.55 -5.34
C ILE A 94 3.33 8.03 -5.55
N ALA A 95 4.26 7.11 -5.33
CA ALA A 95 5.69 7.38 -5.46
C ALA A 95 6.40 6.09 -5.78
N LEU A 96 7.52 6.21 -6.49
CA LEU A 96 8.35 5.05 -6.78
C LEU A 96 9.69 5.25 -6.14
N LEU A 97 10.20 4.19 -5.52
CA LEU A 97 11.50 4.21 -4.89
C LEU A 97 12.47 3.32 -5.62
N ARG A 98 13.58 3.89 -6.09
CA ARG A 98 14.65 3.11 -6.68
CA ARG A 98 14.64 3.09 -6.68
C ARG A 98 15.56 2.62 -5.57
N LEU A 99 15.72 1.32 -5.46
CA LEU A 99 16.55 0.73 -4.39
C LEU A 99 18.04 0.80 -4.71
N ALA A 100 18.85 0.89 -3.65
CA ALA A 100 20.30 1.03 -3.79
C ALA A 100 20.92 -0.23 -4.35
N GLN A 101 20.27 -1.38 -4.14
CA GLN A 101 20.67 -2.65 -4.72
C GLN A 101 19.45 -3.39 -5.22
N SER A 102 19.63 -4.27 -6.19
CA SER A 102 18.54 -5.15 -6.62
C SER A 102 18.41 -6.27 -5.61
N VAL A 103 17.19 -6.53 -5.13
CA VAL A 103 16.98 -7.63 -4.19
C VAL A 103 16.99 -8.94 -4.96
N THR A 104 17.28 -10.01 -4.22
CA THR A 104 17.22 -11.36 -4.75
C THR A 104 15.81 -11.92 -4.66
N LEU A 105 15.28 -12.35 -5.79
CA LEU A 105 13.95 -12.92 -5.82
C LEU A 105 14.02 -14.38 -5.33
N ASN A 106 13.04 -14.78 -4.55
CA ASN A 106 12.95 -16.16 -4.08
C ASN A 106 11.53 -16.42 -3.60
N SER A 107 11.31 -17.50 -2.86
CA SER A 107 9.97 -17.81 -2.34
C SER A 107 9.34 -16.68 -1.52
N TYR A 108 10.17 -15.87 -0.87
CA TYR A 108 9.74 -14.88 0.10
C TYR A 108 9.71 -13.47 -0.47
N VAL A 109 10.29 -13.31 -1.66
CA VAL A 109 10.51 -12.02 -2.29
C VAL A 109 10.16 -12.15 -3.77
N GLN A 110 9.02 -11.59 -4.15
CA GLN A 110 8.49 -11.69 -5.51
CA GLN A 110 8.53 -11.69 -5.51
C GLN A 110 7.97 -10.35 -5.97
N LEU A 111 7.97 -10.15 -7.27
CA LEU A 111 7.41 -8.93 -7.81
C LEU A 111 5.89 -8.98 -7.76
N GLY A 112 5.27 -7.86 -7.45
CA GLY A 112 3.82 -7.75 -7.44
C GLY A 112 3.30 -7.60 -8.84
N VAL A 113 2.17 -8.24 -9.11
CA VAL A 113 1.52 -8.14 -10.42
C VAL A 113 0.65 -6.90 -10.44
N LEU A 114 0.86 -6.03 -11.41
CA LEU A 114 0.03 -4.84 -11.54
C LEU A 114 -1.05 -5.06 -12.58
N PRO A 115 -2.18 -4.37 -12.43
CA PRO A 115 -3.22 -4.51 -13.45
C PRO A 115 -2.86 -3.83 -14.75
N ARG A 116 -3.54 -4.21 -15.82
CA ARG A 116 -3.40 -3.51 -17.09
C ARG A 116 -3.97 -2.10 -16.93
N ALA A 117 -3.42 -1.17 -17.72
CA ALA A 117 -3.81 0.23 -17.67
C ALA A 117 -5.34 0.39 -17.82
N GLY A 118 -5.91 1.18 -16.92
CA GLY A 118 -7.32 1.56 -16.96
C GLY A 118 -8.30 0.55 -16.40
N THR A 119 -7.81 -0.60 -15.93
CA THR A 119 -8.67 -1.66 -15.39
C THR A 119 -9.48 -1.15 -14.21
N ILE A 120 -10.79 -1.39 -14.27
CA ILE A 120 -11.72 -1.02 -13.19
C ILE A 120 -12.42 -2.29 -12.73
N LEU A 121 -12.49 -2.50 -11.42
CA LEU A 121 -13.17 -3.68 -10.87
C LEU A 121 -14.64 -3.41 -10.65
N ALA A 122 -15.45 -4.46 -10.76
CA ALA A 122 -16.86 -4.36 -10.47
C ALA A 122 -17.04 -4.08 -8.98
N ASN A 123 -18.15 -3.44 -8.62
CA ASN A 123 -18.49 -3.27 -7.21
C ASN A 123 -18.42 -4.60 -6.47
N ASN A 124 -17.91 -4.50 -5.24
CA ASN A 124 -17.85 -5.61 -4.31
C ASN A 124 -16.93 -6.71 -4.77
N SER A 125 -15.86 -6.33 -5.47
CA SER A 125 -14.86 -7.28 -5.92
C SER A 125 -13.97 -7.74 -4.77
N PRO A 126 -13.53 -9.01 -4.78
CA PRO A 126 -12.75 -9.59 -3.67
C PRO A 126 -11.31 -9.08 -3.66
N CYS A 127 -10.96 -8.41 -2.56
CA CYS A 127 -9.62 -7.89 -2.34
C CYS A 127 -9.19 -8.07 -0.89
N TYR A 128 -7.89 -7.98 -0.65
CA TYR A 128 -7.31 -8.03 0.70
C TYR A 128 -6.34 -6.89 0.86
N ILE A 129 -6.44 -6.17 1.97
CA ILE A 129 -5.43 -5.22 2.38
C ILE A 129 -4.44 -5.99 3.26
N THR A 130 -3.17 -5.67 3.12
CA THR A 130 -2.15 -6.22 3.99
C THR A 130 -1.25 -5.13 4.54
N GLY A 131 -0.70 -5.35 5.74
CA GLY A 131 0.22 -4.40 6.33
C GLY A 131 0.49 -4.67 7.81
N TRP A 132 1.43 -3.88 8.33
CA TRP A 132 1.83 -3.88 9.73
C TRP A 132 1.21 -2.71 10.48
N GLY A 133 0.21 -2.07 9.88
CA GLY A 133 -0.36 -0.89 10.51
C GLY A 133 -1.14 -1.19 11.79
N LEU A 134 -1.62 -0.13 12.43
CA LEU A 134 -2.35 -0.26 13.70
C LEU A 134 -3.47 -1.29 13.57
N THR A 135 -3.70 -2.05 14.64
CA THR A 135 -4.72 -3.11 14.60
C THR A 135 -6.01 -2.61 15.25
N ARG A 136 -6.00 -1.38 15.72
CA ARG A 136 -7.21 -0.69 16.13
C ARG A 136 -6.93 0.81 16.02
N THR A 137 -7.98 1.59 15.85
CA THR A 137 -7.86 3.03 15.84
C THR A 137 -7.14 3.44 17.12
N ASN A 138 -6.12 4.28 16.99
CA ASN A 138 -5.30 4.71 18.13
C ASN A 138 -4.66 3.55 18.93
N GLY A 139 -4.47 2.40 18.29
CA GLY A 139 -3.77 1.26 18.89
C GLY A 139 -2.30 1.25 18.51
N GLN A 140 -1.75 0.05 18.34
CA GLN A 140 -0.32 -0.07 18.04
C GLN A 140 -0.10 -0.90 16.80
N LEU A 141 1.05 -0.68 16.16
CA LEU A 141 1.44 -1.44 15.00
C LEU A 141 1.39 -2.91 15.26
N ALA A 142 1.12 -3.68 14.21
CA ALA A 142 1.19 -5.13 14.30
C ALA A 142 2.64 -5.56 14.28
N GLN A 143 2.97 -6.56 15.07
CA GLN A 143 4.27 -7.21 14.99
C GLN A 143 4.40 -8.05 13.72
N THR A 144 3.34 -8.79 13.41
CA THR A 144 3.33 -9.71 12.26
C THR A 144 2.41 -9.16 11.19
N LEU A 145 2.72 -9.46 9.93
CA LEU A 145 1.94 -8.98 8.80
C LEU A 145 0.48 -9.40 8.92
N GLN A 146 -0.41 -8.44 8.76
CA GLN A 146 -1.84 -8.71 8.87
C GLN A 146 -2.51 -8.65 7.49
N GLN A 147 -3.60 -9.39 7.35
CA GLN A 147 -4.47 -9.26 6.17
C GLN A 147 -5.92 -9.12 6.61
N ALA A 148 -6.71 -8.42 5.81
CA ALA A 148 -8.15 -8.39 5.97
C ALA A 148 -8.83 -8.33 4.60
N TYR A 149 -9.93 -9.07 4.46
CA TYR A 149 -10.82 -8.93 3.31
C TYR A 149 -11.50 -7.57 3.28
N LEU A 150 -11.29 -6.86 2.18
CA LEU A 150 -11.87 -5.55 1.95
C LEU A 150 -12.38 -5.53 0.53
N PRO A 151 -13.66 -5.77 0.33
CA PRO A 151 -14.22 -5.76 -1.02
C PRO A 151 -14.40 -4.34 -1.55
N THR A 152 -14.30 -4.17 -2.86
CA THR A 152 -14.35 -2.83 -3.41
C THR A 152 -15.73 -2.20 -3.23
N VAL A 153 -15.71 -0.87 -3.15
CA VAL A 153 -16.90 -0.04 -3.23
C VAL A 153 -16.67 0.84 -4.47
N ASP A 154 -17.50 0.67 -5.50
CA ASP A 154 -17.20 1.28 -6.78
C ASP A 154 -17.34 2.80 -6.67
N TYR A 155 -16.82 3.51 -7.67
CA TYR A 155 -16.74 4.96 -7.61
C TYR A 155 -18.10 5.62 -7.43
N ALA A 156 -19.13 5.12 -8.11
CA ALA A 156 -20.45 5.76 -8.04
C ALA A 156 -21.03 5.71 -6.63
N ILE A 157 -20.77 4.61 -5.94
CA ILE A 157 -21.21 4.45 -4.57
C ILE A 157 -20.25 5.18 -3.63
N CYS A 158 -18.96 4.99 -3.83
CA CYS A 158 -17.99 5.58 -2.91
C CYS A 158 -18.04 7.10 -2.87
N SER A 159 -18.33 7.71 -4.02
CA SER A 159 -18.39 9.17 -4.12
C SER A 159 -19.81 9.71 -3.92
N SER A 160 -20.74 8.84 -3.57
CA SER A 160 -22.08 9.29 -3.20
C SER A 160 -22.05 9.95 -1.82
N SER A 161 -23.12 10.69 -1.49
CA SER A 161 -23.10 11.46 -0.26
C SER A 161 -23.15 10.61 1.02
N SER A 162 -23.62 9.37 0.93
CA SER A 162 -23.65 8.53 2.12
C SER A 162 -22.31 7.81 2.36
N TYR A 163 -21.36 7.99 1.45
CA TYR A 163 -20.00 7.48 1.67
C TYR A 163 -19.00 8.63 1.76
N TRP A 164 -18.10 8.77 0.77
CA TRP A 164 -17.06 9.79 0.83
C TRP A 164 -17.39 11.07 0.07
N GLY A 165 -18.48 11.10 -0.69
CA GLY A 165 -18.81 12.29 -1.45
C GLY A 165 -17.68 12.67 -2.41
N SER A 166 -17.49 13.98 -2.66
CA SER A 166 -16.48 14.42 -3.64
C SER A 166 -15.04 14.36 -3.13
N THR A 167 -14.86 13.87 -1.91
CA THR A 167 -13.51 13.60 -1.39
C THR A 167 -12.80 12.53 -2.22
N VAL A 168 -13.57 11.61 -2.79
CA VAL A 168 -13.00 10.53 -3.59
C VAL A 168 -13.14 10.81 -5.09
N LYS A 169 -12.06 10.52 -5.81
CA LYS A 169 -11.98 10.70 -7.26
C LYS A 169 -11.89 9.35 -7.95
N ASN A 170 -12.13 9.37 -9.25
CA ASN A 170 -12.16 8.13 -9.99
C ASN A 170 -10.75 7.57 -10.19
N SER A 171 -9.72 8.34 -9.80
CA SER A 171 -8.34 7.85 -9.77
C SER A 171 -8.01 7.09 -8.46
N MET A 172 -9.04 6.79 -7.68
CA MET A 172 -8.89 6.07 -6.42
C MET A 172 -9.74 4.82 -6.44
N VAL A 173 -9.37 3.84 -5.63
CA VAL A 173 -10.21 2.69 -5.34
C VAL A 173 -10.67 2.75 -3.91
N CYS A 174 -11.96 2.54 -3.67
CA CYS A 174 -12.45 2.37 -2.30
C CYS A 174 -12.64 0.89 -1.96
N ALA A 175 -12.31 0.51 -0.74
CA ALA A 175 -12.62 -0.84 -0.30
C ALA A 175 -12.91 -0.90 1.18
N GLY A 176 -13.85 -1.77 1.53
CA GLY A 176 -14.23 -1.96 2.90
C GLY A 176 -15.40 -1.07 3.29
N GLY A 177 -15.27 -0.39 4.43
CA GLY A 177 -16.34 0.45 4.90
C GLY A 177 -17.42 -0.27 5.71
N ASP A 178 -17.13 -1.48 6.17
CA ASP A 178 -18.12 -2.24 6.95
C ASP A 178 -18.10 -1.83 8.42
N GLY A 179 -17.18 -0.94 8.80
CA GLY A 179 -17.07 -0.49 10.19
C GLY A 179 -16.26 -1.42 11.08
N VAL A 180 -15.79 -2.51 10.49
CA VAL A 180 -15.08 -3.54 11.23
C VAL A 180 -13.63 -3.68 10.74
N ARG A 181 -13.48 -3.76 9.43
CA ARG A 181 -12.18 -3.99 8.81
C ARG A 181 -11.68 -2.78 8.03
N SER A 182 -10.40 -2.45 8.16
CA SER A 182 -9.83 -1.32 7.45
C SER A 182 -8.33 -1.28 7.48
N GLY A 183 -7.77 -0.39 6.67
CA GLY A 183 -6.39 0.06 6.81
C GLY A 183 -6.30 1.02 7.99
N CYS A 184 -5.09 1.22 8.50
CA CYS A 184 -4.88 2.15 9.61
C CYS A 184 -3.44 2.66 9.55
N GLN A 185 -3.08 3.59 10.45
CA GLN A 185 -1.73 4.18 10.44
C GLN A 185 -0.64 3.12 10.34
N GLY A 186 0.26 3.28 9.37
CA GLY A 186 1.34 2.30 9.17
C GLY A 186 1.09 1.37 7.99
N ASP A 187 -0.16 1.32 7.50
CA ASP A 187 -0.54 0.55 6.30
C ASP A 187 -0.38 1.37 5.03
N SER A 188 -0.41 2.69 5.18
CA SER A 188 -0.27 3.60 4.03
C SER A 188 0.84 3.15 3.11
N GLY A 189 0.64 3.25 1.81
CA GLY A 189 1.67 2.96 0.82
C GLY A 189 1.65 1.50 0.40
N GLY A 190 1.07 0.66 1.25
CA GLY A 190 0.97 -0.77 0.96
C GLY A 190 -0.10 -1.13 -0.06
N PRO A 191 -0.17 -2.42 -0.40
CA PRO A 191 -1.05 -2.93 -1.45
C PRO A 191 -2.50 -3.18 -0.98
N LEU A 192 -3.39 -3.01 -1.95
CA LEU A 192 -4.67 -3.70 -2.00
C LEU A 192 -4.53 -4.74 -3.09
N HIS A 193 -4.61 -6.01 -2.70
CA HIS A 193 -4.51 -7.15 -3.61
C HIS A 193 -5.91 -7.60 -4.02
N CYS A 194 -6.21 -7.61 -5.31
CA CYS A 194 -7.54 -7.99 -5.74
C CYS A 194 -7.46 -9.17 -6.68
N LEU A 195 -8.41 -10.07 -6.50
CA LEU A 195 -8.45 -11.31 -7.24
C LEU A 195 -9.13 -11.09 -8.57
N VAL A 196 -8.40 -11.34 -9.65
CA VAL A 196 -8.89 -11.16 -11.01
C VAL A 196 -8.43 -12.36 -11.85
N ASN A 197 -9.42 -13.07 -12.40
CA ASN A 197 -9.20 -14.32 -13.14
CA ASN A 197 -9.18 -14.32 -13.14
C ASN A 197 -8.24 -15.30 -12.43
N GLY A 198 -8.46 -15.48 -11.13
CA GLY A 198 -7.69 -16.44 -10.36
C GLY A 198 -6.38 -15.91 -9.80
N GLN A 199 -5.97 -14.72 -10.23
CA GLN A 199 -4.66 -14.14 -9.86
C GLN A 199 -4.85 -12.89 -9.00
N TYR A 200 -4.04 -12.75 -7.95
CA TYR A 200 -4.01 -11.49 -7.19
C TYR A 200 -3.12 -10.47 -7.88
N ALA A 201 -3.64 -9.26 -8.00
CA ALA A 201 -2.90 -8.14 -8.56
C ALA A 201 -3.06 -6.97 -7.63
N VAL A 202 -2.06 -6.10 -7.57
CA VAL A 202 -2.10 -4.93 -6.70
C VAL A 202 -2.82 -3.79 -7.42
N HIS A 203 -4.09 -3.63 -7.05
CA HIS A 203 -4.94 -2.60 -7.66
C HIS A 203 -4.95 -1.28 -6.87
N GLY A 204 -4.44 -1.29 -5.64
CA GLY A 204 -4.47 -0.10 -4.82
C GLY A 204 -3.18 0.12 -4.06
N VAL A 205 -2.89 1.40 -3.82
CA VAL A 205 -1.87 1.86 -2.88
C VAL A 205 -2.58 2.58 -1.74
N THR A 206 -2.47 2.06 -0.52
CA THR A 206 -3.22 2.63 0.61
C THR A 206 -2.91 4.10 0.82
N SER A 207 -3.96 4.94 0.80
CA SER A 207 -3.75 6.37 0.84
C SER A 207 -4.38 7.04 2.06
N PHE A 208 -5.68 6.87 2.30
CA PHE A 208 -6.28 7.51 3.48
C PHE A 208 -7.53 6.82 4.01
N VAL A 209 -7.84 7.19 5.25
CA VAL A 209 -9.04 6.75 5.97
C VAL A 209 -9.65 8.00 6.60
N SER A 210 -10.78 7.82 7.30
CA SER A 210 -11.46 8.93 7.96
C SER A 210 -10.64 9.56 9.09
N ARG A 211 -10.82 10.86 9.27
CA ARG A 211 -10.25 11.54 10.42
C ARG A 211 -10.89 11.08 11.71
N LEU A 212 -12.07 10.47 11.60
CA LEU A 212 -12.79 9.98 12.75
C LEU A 212 -12.20 8.69 13.27
N GLY A 213 -11.58 7.94 12.37
CA GLY A 213 -11.04 6.66 12.74
C GLY A 213 -10.76 5.76 11.56
N CYS A 214 -10.10 4.64 11.83
CA CYS A 214 -9.70 3.76 10.75
C CYS A 214 -10.89 2.98 10.23
N ASN A 215 -11.52 2.18 11.10
CA ASN A 215 -12.72 1.41 10.75
C ASN A 215 -13.93 2.25 11.11
N VAL A 216 -14.49 2.89 10.08
CA VAL A 216 -15.68 3.71 10.21
C VAL A 216 -16.69 3.31 9.14
N THR A 217 -17.90 3.03 9.57
CA THR A 217 -18.95 2.61 8.65
C THR A 217 -19.19 3.64 7.53
N ARG A 218 -19.20 3.12 6.30
CA ARG A 218 -19.37 3.90 5.08
CA ARG A 218 -19.39 3.91 5.08
C ARG A 218 -18.26 4.93 4.86
N LYS A 219 -17.13 4.71 5.52
CA LYS A 219 -15.88 5.39 5.18
C LYS A 219 -14.84 4.34 4.81
N PRO A 220 -15.02 3.74 3.64
CA PRO A 220 -14.04 2.71 3.26
C PRO A 220 -12.63 3.25 3.18
N THR A 221 -11.65 2.35 3.32
CA THR A 221 -10.28 2.73 3.11
C THR A 221 -10.11 3.16 1.65
N VAL A 222 -9.37 4.23 1.42
CA VAL A 222 -9.20 4.78 0.09
C VAL A 222 -7.75 4.56 -0.37
N PHE A 223 -7.65 4.08 -1.61
CA PHE A 223 -6.39 3.71 -2.22
C PHE A 223 -6.17 4.47 -3.50
N THR A 224 -4.93 4.76 -3.82
CA THR A 224 -4.62 5.23 -5.17
C THR A 224 -4.88 4.09 -6.15
N ARG A 225 -5.59 4.37 -7.24
CA ARG A 225 -5.91 3.32 -8.22
C ARG A 225 -4.69 3.09 -9.11
N VAL A 226 -4.03 1.96 -8.89
CA VAL A 226 -2.78 1.67 -9.57
C VAL A 226 -2.96 1.69 -11.10
N SER A 227 -4.11 1.21 -11.58
CA SER A 227 -4.34 1.12 -13.00
C SER A 227 -4.48 2.47 -13.67
N ALA A 228 -4.63 3.54 -12.88
CA ALA A 228 -4.65 4.89 -13.43
C ALA A 228 -3.24 5.42 -13.70
N TYR A 229 -2.24 4.71 -13.19
CA TYR A 229 -0.86 5.20 -13.18
C TYR A 229 0.14 4.28 -13.88
N ILE A 230 -0.36 3.35 -14.68
CA ILE A 230 0.53 2.39 -15.33
C ILE A 230 1.50 3.08 -16.29
N SER A 231 1.02 4.03 -17.09
CA SER A 231 1.92 4.77 -17.97
C SER A 231 2.96 5.56 -17.17
N TRP A 232 2.52 6.22 -16.10
CA TRP A 232 3.40 7.00 -15.25
C TRP A 232 4.46 6.08 -14.67
N ILE A 233 4.06 4.94 -14.11
CA ILE A 233 5.00 4.00 -13.56
C ILE A 233 6.02 3.54 -14.58
N ASN A 234 5.57 3.13 -15.75
CA ASN A 234 6.52 2.65 -16.74
C ASN A 234 7.43 3.76 -17.26
N ASN A 235 6.91 4.98 -17.37
CA ASN A 235 7.73 6.13 -17.74
C ASN A 235 8.87 6.41 -16.74
N VAL A 236 8.55 6.32 -15.46
CA VAL A 236 9.53 6.57 -14.42
C VAL A 236 10.63 5.51 -14.49
N ILE A 237 10.23 4.24 -14.55
CA ILE A 237 11.20 3.15 -14.61
C ILE A 237 12.06 3.24 -15.86
N ALA A 238 11.46 3.60 -16.98
CA ALA A 238 12.23 3.69 -18.23
C ALA A 238 13.23 4.84 -18.27
N SER A 239 13.00 5.89 -17.48
CA SER A 239 13.79 7.12 -17.58
C SER A 239 14.57 7.43 -16.30
N ASN A 240 14.58 6.47 -15.37
CA ASN A 240 15.34 6.61 -14.13
C ASN A 240 16.10 5.33 -13.89
C12 4E4 B . -3.96 5.96 5.86
C13 4E4 B . -4.42 4.50 6.04
C16 4E4 B . -1.59 5.49 6.24
C15 4E4 B . -4.12 7.30 8.65
C1 4E4 B . -2.36 9.99 5.13
C2 4E4 B . -1.51 10.73 5.96
C7 4E4 B . -1.14 13.91 3.93
C6 4E4 B . -2.76 10.56 3.94
C4 4E4 B . -1.57 12.52 4.37
C3 4E4 B . -1.12 12.01 5.57
O10 4E4 B . -1.32 8.20 7.08
C9 4E4 B . -2.25 7.80 6.46
C11 4E4 B . -2.77 6.37 6.71
C14 4E4 B . -3.11 6.27 8.19
O17 4E4 B . -0.93 4.82 7.23
N8 4E4 B . -2.84 8.63 5.43
N5 4E4 B . -2.36 11.78 3.59
S SO4 C . -6.41 -15.85 1.40
O1 SO4 C . -7.77 -15.79 1.93
O2 SO4 C . -5.47 -15.91 2.51
O3 SO4 C . -6.25 -17.03 0.55
O4 SO4 C . -6.17 -14.66 0.58
S SO4 D . -2.72 4.89 -18.07
O1 SO4 D . -4.10 4.64 -17.65
O2 SO4 D . -1.84 4.69 -16.94
O3 SO4 D . -2.31 4.01 -19.16
O4 SO4 D . -2.61 6.27 -18.54
S SO4 E . -5.95 10.34 7.04
O1 SO4 E . -6.75 10.21 8.27
O2 SO4 E . -4.61 10.83 7.39
O3 SO4 E . -5.82 9.03 6.37
O4 SO4 E . -6.57 11.33 6.16
S SO4 F . -9.38 13.58 4.38
O1 SO4 F . -10.27 12.68 5.10
O2 SO4 F . -8.93 14.63 5.29
O3 SO4 F . -8.24 12.81 3.90
O4 SO4 F . -10.06 14.18 3.23
S SO4 G . -7.41 7.99 13.14
O1 SO4 G . -8.29 8.94 13.81
O2 SO4 G . -6.06 8.17 13.68
O3 SO4 G . -7.83 6.64 13.44
O4 SO4 G . -7.45 8.14 11.69
C ACT H . -12.07 -13.97 3.98
C ACT H . -11.78 -14.55 3.87
O ACT H . -12.06 -12.99 4.76
O ACT H . -10.54 -14.42 4.08
OXT ACT H . -12.99 -13.98 3.14
OXT ACT H . -12.15 -15.70 3.58
CH3 ACT H . -11.02 -15.04 4.06
CH3 ACT H . -12.71 -13.38 3.94
C ACT I . -13.12 17.46 -0.92
O ACT I . -12.93 16.66 0.03
OXT ACT I . -12.13 18.17 -1.24
CH3 ACT I . -14.42 17.63 -1.64
C ACT J . 19.82 -0.92 5.50
O ACT J . 19.67 -1.07 6.74
OXT ACT J . 20.06 0.22 5.03
CH3 ACT J . 19.68 -2.09 4.62
C ACT K . -2.36 -15.20 -1.31
O ACT K . -1.70 -15.31 -0.27
OXT ACT K . -1.77 -14.89 -2.37
CH3 ACT K . -3.83 -15.43 -1.27
C ACT L . 0.33 -8.42 16.33
O ACT L . 1.08 -7.73 17.04
OXT ACT L . 0.89 -9.18 15.50
CH3 ACT L . -1.15 -8.33 16.47
NA NA M . 11.62 -9.94 10.72
C1 GOL N . 10.89 -2.64 12.90
O1 GOL N . 12.30 -2.58 13.01
C2 GOL N . 10.18 -1.97 14.07
O2 GOL N . 9.27 -2.81 14.76
C3 GOL N . 9.47 -0.85 13.40
O3 GOL N . 8.76 0.04 14.22
#